data_5WT2
#
_entry.id   5WT2
#
_cell.length_a   103.010
_cell.length_b   103.010
_cell.length_c   133.650
_cell.angle_alpha   90.000
_cell.angle_beta   90.000
_cell.angle_gamma   90.000
#
_symmetry.space_group_name_H-M   'P 41 21 2'
#
loop_
_entity.id
_entity.type
_entity.pdbx_description
1 polymer 'Cysteine desulfurase IscS'
2 non-polymer "PYRIDOXAL-5'-PHOSPHATE"
3 non-polymer 'ISOPROPYL ALCOHOL'
4 non-polymer 'CHLORIDE ION'
5 water water
#
_entity_poly.entity_id   1
_entity_poly.type   'polypeptide(L)'
_entity_poly.pdbx_seq_one_letter_code
;MVQRIYLDNNATTRIDPKVKEIMDPFLRDHYGNPSSLHQFGTETHPAIAEALDKLYKGINARDIDDVIITSCATESNNWV
LKGVYFDECLKKGKNHIVTTVAEHPAVRSTCNFLESLGVEVTYLPINEHGSITAEQVREAITEKTALVSVMWANNETGLI
FPIEEIGAICKEKGVLFHTDAVQAIGKIPVDVLKANADFLSFSAHKFHGPKGIGGLYIRSGVGLTPLFHGGEHMNGRRSG
TLNVPYIVGMGEAMKLAVEHLDYEKEVVGKLRDKLEEALLKIPDVMVVGDRIHRVPNTTLVSVRGIEGEAMLWDLNRSNI
AASTGSACASEDLEANPVMVAIGASKELAHTAIRLSLSRFNTEAEIDKTIEVFSQAAVRLRNISSSYVDLVPRGSHHHHH
H
;
_entity_poly.pdbx_strand_id   A
#
# COMPACT_ATOMS: atom_id res chain seq x y z
N VAL A 2 22.26 7.69 -21.74
CA VAL A 2 22.46 6.72 -20.67
C VAL A 2 21.20 5.90 -20.45
N GLN A 3 21.35 4.78 -19.75
CA GLN A 3 20.25 3.85 -19.48
C GLN A 3 20.26 3.53 -17.99
N ARG A 4 19.35 4.11 -17.23
CA ARG A 4 19.28 3.86 -15.81
C ARG A 4 18.28 2.75 -15.50
N ILE A 5 18.49 2.09 -14.35
CA ILE A 5 17.69 0.96 -13.92
C ILE A 5 16.98 1.34 -12.63
N TYR A 6 15.65 1.28 -12.64
CA TYR A 6 14.84 1.63 -11.48
C TYR A 6 14.35 0.36 -10.81
N LEU A 7 14.88 0.06 -9.62
CA LEU A 7 14.47 -1.08 -8.82
C LEU A 7 14.02 -0.64 -7.44
N ASP A 8 13.22 0.43 -7.37
CA ASP A 8 12.78 0.99 -6.11
C ASP A 8 11.26 1.21 -6.12
N ASN A 9 10.52 0.21 -6.61
CA ASN A 9 9.10 0.42 -6.88
C ASN A 9 8.23 0.33 -5.65
N ASN A 10 8.71 -0.26 -4.55
CA ASN A 10 7.98 -0.16 -3.29
C ASN A 10 8.10 1.22 -2.66
N ALA A 11 9.05 2.04 -3.13
CA ALA A 11 9.13 3.42 -2.65
C ALA A 11 8.22 4.35 -3.44
N THR A 12 8.20 4.19 -4.76
CA THR A 12 7.22 4.80 -5.65
C THR A 12 7.47 4.24 -7.04
N THR A 13 6.50 4.41 -7.92
CA THR A 13 6.55 3.84 -9.26
C THR A 13 6.43 4.93 -10.31
N ARG A 14 6.73 4.54 -11.55
CA ARG A 14 6.52 5.41 -12.70
C ARG A 14 5.05 5.41 -13.11
N ILE A 15 4.54 6.58 -13.48
CA ILE A 15 3.20 6.69 -14.02
C ILE A 15 3.15 5.96 -15.36
N ASP A 16 2.15 5.09 -15.51
CA ASP A 16 1.94 4.42 -16.78
C ASP A 16 1.60 5.45 -17.85
N PRO A 17 2.19 5.35 -19.05
CA PRO A 17 1.86 6.34 -20.10
C PRO A 17 0.37 6.45 -20.39
N LYS A 18 -0.36 5.34 -20.31
CA LYS A 18 -1.81 5.40 -20.51
C LYS A 18 -2.48 6.18 -19.40
N VAL A 19 -1.92 6.16 -18.19
CA VAL A 19 -2.50 6.92 -17.08
C VAL A 19 -2.30 8.41 -17.32
N LYS A 20 -1.09 8.83 -17.69
CA LYS A 20 -0.86 10.23 -18.03
C LYS A 20 -1.77 10.66 -19.18
N GLU A 21 -1.83 9.84 -20.23
CA GLU A 21 -2.72 10.13 -21.36
C GLU A 21 -4.15 10.37 -20.90
N ILE A 22 -4.67 9.47 -20.05
CA ILE A 22 -6.06 9.61 -19.63
C ILE A 22 -6.25 10.79 -18.70
N MET A 23 -5.19 11.26 -18.03
CA MET A 23 -5.34 12.42 -17.17
C MET A 23 -5.27 13.74 -17.93
N ASP A 24 -4.53 13.78 -19.04
CA ASP A 24 -4.24 15.05 -19.72
C ASP A 24 -5.47 15.92 -20.00
N PRO A 25 -6.57 15.42 -20.57
CA PRO A 25 -7.69 16.33 -20.89
C PRO A 25 -8.25 17.07 -19.69
N PHE A 26 -8.15 16.49 -18.49
CA PHE A 26 -8.65 17.16 -17.30
C PHE A 26 -7.64 18.13 -16.71
N LEU A 27 -6.42 18.13 -17.22
CA LEU A 27 -5.46 19.20 -16.99
C LEU A 27 -5.56 20.31 -18.02
N ARG A 28 -6.39 20.13 -19.06
CA ARG A 28 -6.47 21.05 -20.17
C ARG A 28 -7.84 21.70 -20.17
N ASP A 29 -8.78 21.28 -21.01
CA ASP A 29 -10.03 22.00 -21.21
C ASP A 29 -11.17 21.54 -20.32
N HIS A 30 -11.02 20.43 -19.60
CA HIS A 30 -12.11 19.96 -18.75
C HIS A 30 -11.79 20.22 -17.29
N TYR A 31 -11.71 21.50 -16.91
CA TYR A 31 -11.27 21.94 -15.60
C TYR A 31 -12.41 22.28 -14.67
N GLY A 32 -13.64 21.87 -15.00
CA GLY A 32 -14.78 22.26 -14.18
C GLY A 32 -14.78 21.58 -12.83
N ASN A 33 -15.34 22.27 -11.85
CA ASN A 33 -15.56 21.71 -10.53
C ASN A 33 -16.73 20.75 -10.58
N PRO A 34 -16.54 19.46 -10.26
CA PRO A 34 -17.65 18.50 -10.38
C PRO A 34 -18.86 18.84 -9.52
N SER A 35 -18.69 19.69 -8.50
CA SER A 35 -19.83 20.14 -7.71
C SER A 35 -20.64 21.23 -8.41
N SER A 36 -20.08 21.85 -9.44
CA SER A 36 -20.81 22.88 -10.17
C SER A 36 -22.01 22.28 -10.89
N LEU A 37 -23.08 23.08 -11.01
CA LEU A 37 -24.29 22.63 -11.67
C LEU A 37 -24.27 22.88 -13.18
N HIS A 38 -23.42 23.77 -13.65
CA HIS A 38 -23.34 24.08 -15.07
C HIS A 38 -22.56 22.99 -15.81
N GLN A 39 -22.39 23.20 -17.12
CA GLN A 39 -21.86 22.13 -17.98
C GLN A 39 -20.41 21.80 -17.67
N PHE A 40 -19.63 22.77 -17.17
CA PHE A 40 -18.24 22.46 -16.84
C PHE A 40 -18.16 21.47 -15.68
N GLY A 41 -19.16 21.46 -14.81
CA GLY A 41 -19.19 20.54 -13.69
C GLY A 41 -19.69 19.16 -14.06
N THR A 42 -20.93 19.07 -14.53
CA THR A 42 -21.50 17.78 -14.93
C THR A 42 -20.74 17.16 -16.08
N GLU A 43 -19.97 17.96 -16.81
CA GLU A 43 -19.16 17.44 -17.91
C GLU A 43 -18.13 16.42 -17.42
N THR A 44 -17.73 16.50 -16.15
CA THR A 44 -16.71 15.62 -15.59
C THR A 44 -17.29 14.33 -15.00
N HIS A 45 -18.59 14.25 -14.83
CA HIS A 45 -19.23 13.17 -14.09
C HIS A 45 -19.04 11.78 -14.68
N PRO A 46 -19.18 11.58 -16.01
CA PRO A 46 -18.95 10.23 -16.54
C PRO A 46 -17.57 9.67 -16.27
N ALA A 47 -16.52 10.48 -16.45
CA ALA A 47 -15.16 9.97 -16.23
C ALA A 47 -14.90 9.68 -14.76
N ILE A 48 -15.44 10.52 -13.87
CA ILE A 48 -15.32 10.27 -12.43
C ILE A 48 -16.01 8.96 -12.07
N ALA A 49 -17.22 8.75 -12.61
CA ALA A 49 -17.95 7.52 -12.32
C ALA A 49 -17.21 6.30 -12.85
N GLU A 50 -16.63 6.40 -14.04
CA GLU A 50 -15.86 5.27 -14.59
C GLU A 50 -14.63 4.98 -13.74
N ALA A 51 -13.93 6.02 -13.30
CA ALA A 51 -12.76 5.81 -12.46
C ALA A 51 -13.14 5.13 -11.15
N LEU A 52 -14.17 5.65 -10.48
CA LEU A 52 -14.64 5.03 -9.24
C LEU A 52 -15.04 3.58 -9.47
N ASP A 53 -15.73 3.30 -10.59
CA ASP A 53 -16.08 1.93 -10.92
C ASP A 53 -14.83 1.06 -11.02
N LYS A 54 -13.79 1.57 -11.67
CA LYS A 54 -12.53 0.82 -11.78
C LYS A 54 -11.94 0.54 -10.39
N LEU A 55 -12.05 1.49 -9.46
CA LEU A 55 -11.51 1.25 -8.12
C LEU A 55 -12.31 0.18 -7.39
N TYR A 56 -13.64 0.35 -7.36
CA TYR A 56 -14.53 -0.63 -6.73
C TYR A 56 -14.24 -2.04 -7.23
N LYS A 57 -14.27 -2.23 -8.55
CA LYS A 57 -13.95 -3.55 -9.10
C LYS A 57 -12.52 -3.95 -8.80
N GLY A 58 -11.63 -2.95 -8.64
CA GLY A 58 -10.24 -3.26 -8.36
C GLY A 58 -10.03 -3.95 -7.03
N ILE A 59 -10.81 -3.56 -6.02
CA ILE A 59 -10.67 -4.19 -4.71
C ILE A 59 -11.90 -5.03 -4.35
N ASN A 60 -12.74 -5.35 -5.34
CA ASN A 60 -13.95 -6.15 -5.13
C ASN A 60 -14.88 -5.49 -4.10
N ALA A 61 -14.95 -4.17 -4.15
CA ALA A 61 -15.90 -3.45 -3.30
C ALA A 61 -17.31 -3.60 -3.86
N ARG A 62 -18.28 -3.65 -2.97
CA ARG A 62 -19.68 -3.74 -3.36
C ARG A 62 -20.25 -2.35 -3.59
N ASP A 63 -21.36 -2.30 -4.33
CA ASP A 63 -22.01 -1.02 -4.60
C ASP A 63 -22.47 -0.34 -3.31
N ILE A 64 -22.81 -1.12 -2.28
CA ILE A 64 -23.22 -0.54 -1.02
C ILE A 64 -22.03 0.01 -0.23
N ASP A 65 -20.81 -0.40 -0.58
CA ASP A 65 -19.62 0.06 0.13
C ASP A 65 -19.17 1.41 -0.40
N ASP A 66 -18.24 2.03 0.33
CA ASP A 66 -17.62 3.28 -0.10
C ASP A 66 -16.16 3.03 -0.45
N VAL A 67 -15.72 3.67 -1.52
CA VAL A 67 -14.30 3.83 -1.83
C VAL A 67 -14.07 5.33 -1.89
N ILE A 68 -13.70 5.92 -0.75
CA ILE A 68 -13.54 7.36 -0.67
C ILE A 68 -12.18 7.75 -1.24
N ILE A 69 -12.16 8.80 -2.06
CA ILE A 69 -10.94 9.34 -2.64
C ILE A 69 -10.25 10.19 -1.58
N THR A 70 -8.99 9.87 -1.30
CA THR A 70 -8.17 10.64 -0.38
C THR A 70 -6.96 11.19 -1.12
N SER A 71 -6.10 11.88 -0.39
CA SER A 71 -4.92 12.50 -0.98
C SER A 71 -3.69 11.63 -0.92
N CYS A 72 -3.74 10.50 -0.20
CA CYS A 72 -2.65 9.54 -0.10
C CYS A 72 -3.03 8.49 0.94
N ALA A 73 -2.24 7.41 1.02
CA ALA A 73 -2.49 6.40 2.04
C ALA A 73 -2.31 6.95 3.44
N THR A 74 -1.43 7.95 3.60
CA THR A 74 -1.25 8.56 4.91
C THR A 74 -2.54 9.19 5.42
N GLU A 75 -3.28 9.84 4.52
CA GLU A 75 -4.58 10.40 4.91
C GLU A 75 -5.56 9.29 5.28
N SER A 76 -5.59 8.21 4.49
CA SER A 76 -6.49 7.10 4.79
C SER A 76 -6.20 6.51 6.16
N ASN A 77 -4.92 6.30 6.47
CA ASN A 77 -4.56 5.67 7.75
C ASN A 77 -4.85 6.62 8.92
N ASN A 78 -4.47 7.89 8.80
CA ASN A 78 -4.80 8.86 9.84
C ASN A 78 -6.30 8.93 10.06
N TRP A 79 -7.07 8.90 8.96
CA TRP A 79 -8.52 8.99 9.06
C TRP A 79 -9.11 7.77 9.77
N VAL A 80 -8.63 6.58 9.42
CA VAL A 80 -9.11 5.37 10.10
C VAL A 80 -8.83 5.47 11.59
N LEU A 81 -7.55 5.66 11.95
CA LEU A 81 -7.17 5.57 13.36
C LEU A 81 -7.81 6.67 14.20
N LYS A 82 -7.80 7.91 13.71
CA LYS A 82 -8.37 8.99 14.51
C LYS A 82 -9.90 8.94 14.53
N GLY A 83 -10.50 8.51 13.41
CA GLY A 83 -11.94 8.35 13.39
C GLY A 83 -12.44 7.31 14.37
N VAL A 84 -11.78 6.14 14.39
CA VAL A 84 -12.15 5.14 15.38
C VAL A 84 -11.74 5.58 16.78
N TYR A 85 -10.77 6.50 16.90
CA TYR A 85 -10.48 7.05 18.21
C TYR A 85 -11.66 7.85 18.75
N PHE A 86 -12.28 8.68 17.91
CA PHE A 86 -13.41 9.45 18.40
C PHE A 86 -14.67 8.61 18.53
N ASP A 87 -14.94 7.73 17.56
CA ASP A 87 -16.20 7.00 17.54
C ASP A 87 -16.18 5.82 18.51
N GLU A 88 -15.11 5.02 18.50
CA GLU A 88 -15.08 3.77 19.24
C GLU A 88 -14.26 3.82 20.52
N CYS A 89 -13.36 4.80 20.68
CA CYS A 89 -12.52 4.88 21.87
C CYS A 89 -13.02 5.90 22.88
N LEU A 90 -13.31 7.13 22.45
CA LEU A 90 -13.79 8.14 23.38
C LEU A 90 -15.27 7.98 23.69
N LYS A 91 -16.07 7.54 22.73
CA LYS A 91 -17.51 7.46 22.91
C LYS A 91 -18.00 6.08 23.33
N LYS A 92 -17.26 5.02 23.03
CA LYS A 92 -17.68 3.66 23.39
C LYS A 92 -16.79 3.01 24.45
N GLY A 93 -15.77 3.72 24.93
CA GLY A 93 -14.89 3.17 25.95
C GLY A 93 -13.98 2.04 25.50
N LYS A 94 -13.98 1.70 24.21
CA LYS A 94 -13.07 0.68 23.68
C LYS A 94 -11.71 1.35 23.44
N ASN A 95 -10.99 1.56 24.54
CA ASN A 95 -9.74 2.32 24.51
C ASN A 95 -8.53 1.45 24.22
N HIS A 96 -8.64 0.52 23.27
CA HIS A 96 -7.53 -0.35 22.92
C HIS A 96 -7.49 -0.58 21.42
N ILE A 97 -6.28 -0.54 20.86
CA ILE A 97 -6.05 -0.78 19.44
C ILE A 97 -4.86 -1.74 19.33
N VAL A 98 -5.01 -2.76 18.50
CA VAL A 98 -3.92 -3.70 18.23
C VAL A 98 -3.45 -3.50 16.80
N THR A 99 -2.14 -3.48 16.63
CA THR A 99 -1.51 -3.35 15.32
C THR A 99 -0.18 -4.09 15.39
N THR A 100 0.66 -3.92 14.38
CA THR A 100 1.94 -4.63 14.32
C THR A 100 3.10 -3.64 14.35
N VAL A 101 4.29 -4.18 14.64
CA VAL A 101 5.51 -3.37 14.62
C VAL A 101 6.02 -3.13 13.21
N ALA A 102 5.48 -3.85 12.22
CA ALA A 102 5.91 -3.72 10.83
C ALA A 102 5.14 -2.65 10.07
N GLU A 103 4.13 -2.04 10.69
CA GLU A 103 3.26 -1.12 9.99
C GLU A 103 4.02 0.12 9.52
N HIS A 104 3.54 0.68 8.41
CA HIS A 104 4.10 1.92 7.89
C HIS A 104 4.02 3.03 8.94
N PRO A 105 4.99 3.96 8.94
CA PRO A 105 4.98 5.05 9.94
C PRO A 105 3.70 5.86 9.97
N ALA A 106 2.94 5.88 8.88
CA ALA A 106 1.65 6.57 8.89
C ALA A 106 0.69 5.92 9.88
N VAL A 107 0.86 4.63 10.14
CA VAL A 107 0.04 3.93 11.12
C VAL A 107 0.66 3.98 12.51
N ARG A 108 1.96 3.69 12.60
CA ARG A 108 2.61 3.58 13.90
C ARG A 108 2.74 4.94 14.58
N SER A 109 3.07 5.98 13.82
CA SER A 109 3.20 7.31 14.41
C SER A 109 1.85 7.83 14.88
N THR A 110 0.80 7.60 14.08
CA THR A 110 -0.55 7.98 14.52
C THR A 110 -0.95 7.23 15.77
N CYS A 111 -0.63 5.93 15.84
CA CYS A 111 -0.90 5.16 17.05
C CYS A 111 -0.14 5.74 18.25
N ASN A 112 1.09 6.21 18.02
CA ASN A 112 1.82 6.88 19.08
C ASN A 112 1.11 8.14 19.54
N PHE A 113 0.55 8.90 18.59
CA PHE A 113 -0.23 10.09 18.96
C PHE A 113 -1.45 9.71 19.79
N LEU A 114 -2.13 8.63 19.41
CA LEU A 114 -3.28 8.19 20.21
C LEU A 114 -2.85 7.74 21.59
N GLU A 115 -1.66 7.12 21.69
CA GLU A 115 -1.13 6.77 23.00
C GLU A 115 -0.88 8.00 23.85
N SER A 116 -0.40 9.09 23.24
CA SER A 116 -0.17 10.32 23.99
C SER A 116 -1.47 10.86 24.58
N LEU A 117 -2.61 10.53 23.97
CA LEU A 117 -3.92 10.95 24.47
C LEU A 117 -4.48 10.00 25.51
N GLY A 118 -3.84 8.86 25.74
CA GLY A 118 -4.30 7.89 26.72
C GLY A 118 -4.79 6.58 26.13
N VAL A 119 -4.76 6.42 24.81
CA VAL A 119 -5.19 5.17 24.20
C VAL A 119 -4.13 4.10 24.44
N GLU A 120 -4.58 2.89 24.76
CA GLU A 120 -3.69 1.75 24.94
C GLU A 120 -3.55 1.03 23.60
N VAL A 121 -2.32 0.96 23.10
CA VAL A 121 -2.02 0.33 21.81
C VAL A 121 -0.97 -0.74 22.04
N THR A 122 -1.26 -1.95 21.57
CA THR A 122 -0.29 -3.04 21.57
C THR A 122 0.20 -3.27 20.15
N TYR A 123 1.50 -3.15 19.94
CA TYR A 123 2.13 -3.41 18.66
C TYR A 123 2.65 -4.84 18.68
N LEU A 124 2.01 -5.70 17.91
CA LEU A 124 2.38 -7.12 17.92
C LEU A 124 3.80 -7.30 17.41
N PRO A 125 4.65 -8.05 18.11
CA PRO A 125 6.02 -8.23 17.65
C PRO A 125 6.09 -9.23 16.50
N ILE A 126 7.02 -8.97 15.58
CA ILE A 126 7.22 -9.87 14.44
C ILE A 126 7.96 -11.10 14.92
N ASN A 127 7.72 -12.23 14.24
CA ASN A 127 8.37 -13.48 14.59
C ASN A 127 9.59 -13.72 13.70
N GLU A 128 10.23 -14.87 13.88
CA GLU A 128 11.42 -15.19 13.10
C GLU A 128 11.08 -15.39 11.63
N HIS A 129 9.86 -15.82 11.32
CA HIS A 129 9.41 -15.96 9.94
C HIS A 129 9.15 -14.63 9.26
N GLY A 130 9.37 -13.50 9.94
CA GLY A 130 9.08 -12.21 9.36
C GLY A 130 7.61 -11.87 9.21
N SER A 131 6.73 -12.63 9.86
CA SER A 131 5.29 -12.43 9.71
C SER A 131 4.62 -12.33 11.08
N ILE A 132 3.34 -12.01 11.05
CA ILE A 132 2.46 -12.10 12.20
C ILE A 132 1.60 -13.33 12.02
N THR A 133 1.20 -13.95 13.13
CA THR A 133 0.60 -15.29 13.05
C THR A 133 -0.90 -15.23 12.75
N ALA A 134 -1.61 -14.30 13.42
CA ALA A 134 -3.07 -14.19 13.55
C ALA A 134 -3.48 -14.63 14.94
N GLU A 135 -2.80 -15.64 15.49
CA GLU A 135 -3.03 -16.00 16.88
C GLU A 135 -2.71 -14.84 17.82
N GLN A 136 -1.76 -13.99 17.41
CA GLN A 136 -1.35 -12.88 18.27
C GLN A 136 -2.49 -11.87 18.44
N VAL A 137 -3.13 -11.45 17.34
CA VAL A 137 -4.25 -10.53 17.47
C VAL A 137 -5.32 -11.11 18.40
N ARG A 138 -5.58 -12.41 18.26
CA ARG A 138 -6.58 -13.06 19.11
C ARG A 138 -6.17 -12.97 20.58
N GLU A 139 -4.91 -13.31 20.88
CA GLU A 139 -4.42 -13.15 22.25
C GLU A 139 -4.60 -11.73 22.75
N ALA A 140 -4.47 -10.73 21.87
CA ALA A 140 -4.59 -9.34 22.31
C ALA A 140 -6.00 -8.80 22.20
N ILE A 141 -6.89 -9.43 21.43
CA ILE A 141 -8.24 -8.89 21.27
C ILE A 141 -8.99 -9.06 22.59
N THR A 142 -8.93 -8.02 23.43
CA THR A 142 -9.78 -7.92 24.60
C THR A 142 -11.14 -7.35 24.22
N GLU A 143 -12.08 -7.41 25.14
CA GLU A 143 -13.41 -6.84 24.89
C GLU A 143 -13.40 -5.31 24.84
N LYS A 144 -12.23 -4.68 24.90
CA LYS A 144 -12.12 -3.24 24.76
C LYS A 144 -11.34 -2.83 23.51
N THR A 145 -11.05 -3.76 22.61
CA THR A 145 -10.36 -3.42 21.37
C THR A 145 -11.32 -2.73 20.43
N ALA A 146 -11.00 -1.49 20.06
CA ALA A 146 -11.82 -0.78 19.08
C ALA A 146 -11.46 -1.17 17.66
N LEU A 147 -10.19 -1.48 17.39
CA LEU A 147 -9.74 -1.66 16.02
C LEU A 147 -8.53 -2.58 15.97
N VAL A 148 -8.51 -3.46 14.97
CA VAL A 148 -7.33 -4.21 14.58
C VAL A 148 -6.83 -3.61 13.26
N SER A 149 -5.54 -3.32 13.17
CA SER A 149 -4.95 -2.75 11.97
C SER A 149 -3.68 -3.52 11.63
N VAL A 150 -3.74 -4.29 10.56
CA VAL A 150 -2.59 -5.08 10.09
C VAL A 150 -2.44 -4.86 8.59
N MET A 151 -1.24 -4.48 8.18
CA MET A 151 -0.97 -4.24 6.76
C MET A 151 -1.06 -5.55 5.98
N TRP A 152 -1.46 -5.42 4.72
CA TRP A 152 -1.61 -6.60 3.88
C TRP A 152 -0.25 -7.17 3.49
N ALA A 153 0.64 -6.30 3.00
CA ALA A 153 1.99 -6.71 2.62
C ALA A 153 2.97 -5.66 3.13
N ASN A 154 4.08 -6.13 3.70
CA ASN A 154 5.09 -5.23 4.23
C ASN A 154 5.93 -4.61 3.11
N ASN A 155 6.23 -3.32 3.26
CA ASN A 155 6.94 -2.59 2.21
C ASN A 155 8.44 -2.87 2.20
N GLU A 156 9.01 -3.34 3.31
CA GLU A 156 10.45 -3.55 3.37
C GLU A 156 10.85 -4.96 2.96
N THR A 157 10.08 -5.97 3.37
CA THR A 157 10.41 -7.36 3.09
C THR A 157 9.57 -7.97 1.97
N GLY A 158 8.47 -7.32 1.58
CA GLY A 158 7.52 -7.92 0.66
C GLY A 158 6.64 -9.01 1.25
N LEU A 159 6.77 -9.28 2.55
CA LEU A 159 6.08 -10.41 3.16
C LEU A 159 4.58 -10.13 3.27
N ILE A 160 3.79 -11.12 2.88
CA ILE A 160 2.33 -11.04 2.94
C ILE A 160 1.88 -11.53 4.31
N PHE A 161 1.05 -10.73 4.97
CA PHE A 161 0.52 -11.08 6.28
C PHE A 161 -0.78 -11.86 6.13
N PRO A 162 -1.17 -12.65 7.15
CA PRO A 162 -2.34 -13.52 6.98
C PRO A 162 -3.66 -12.76 7.03
N ILE A 163 -3.80 -11.76 6.16
CA ILE A 163 -5.10 -11.14 5.94
C ILE A 163 -6.05 -12.21 5.43
N GLU A 164 -7.25 -12.26 6.04
CA GLU A 164 -8.30 -13.27 5.88
C GLU A 164 -8.55 -13.90 7.24
N GLU A 165 -7.55 -14.59 7.77
CA GLU A 165 -7.66 -15.19 9.09
C GLU A 165 -7.79 -14.11 10.18
N ILE A 166 -7.00 -13.04 10.06
CA ILE A 166 -7.18 -11.90 10.97
C ILE A 166 -8.58 -11.33 10.81
N GLY A 167 -9.07 -11.24 9.57
CA GLY A 167 -10.44 -10.81 9.35
C GLY A 167 -11.48 -11.73 9.93
N ALA A 168 -11.21 -13.04 9.94
CA ALA A 168 -12.15 -13.98 10.53
C ALA A 168 -12.16 -13.85 12.05
N ILE A 169 -10.98 -13.70 12.66
CA ILE A 169 -10.90 -13.46 14.10
C ILE A 169 -11.66 -12.19 14.47
N CYS A 170 -11.42 -11.12 13.73
CA CYS A 170 -12.12 -9.85 13.98
C CYS A 170 -13.62 -9.98 13.78
N LYS A 171 -14.05 -10.79 12.81
CA LYS A 171 -15.48 -10.96 12.58
C LYS A 171 -16.12 -11.75 13.71
N GLU A 172 -15.45 -12.80 14.19
CA GLU A 172 -15.99 -13.58 15.29
C GLU A 172 -16.00 -12.78 16.58
N LYS A 173 -15.05 -11.87 16.77
CA LYS A 173 -14.95 -11.13 18.02
C LYS A 173 -15.59 -9.75 17.96
N GLY A 174 -16.14 -9.36 16.83
CA GLY A 174 -16.86 -8.09 16.75
C GLY A 174 -15.98 -6.86 16.91
N VAL A 175 -14.80 -6.88 16.31
CA VAL A 175 -13.90 -5.74 16.34
C VAL A 175 -13.64 -5.28 14.91
N LEU A 176 -13.59 -3.97 14.72
CA LEU A 176 -13.36 -3.40 13.40
C LEU A 176 -12.00 -3.82 12.86
N PHE A 177 -11.94 -4.05 11.55
CA PHE A 177 -10.73 -4.51 10.88
C PHE A 177 -10.33 -3.52 9.80
N HIS A 178 -9.11 -2.99 9.91
CA HIS A 178 -8.53 -2.14 8.89
C HIS A 178 -7.25 -2.79 8.38
N THR A 179 -7.03 -2.72 7.07
CA THR A 179 -5.81 -3.23 6.46
C THR A 179 -5.20 -2.16 5.57
N ASP A 180 -3.96 -1.80 5.84
CA ASP A 180 -3.14 -1.01 4.94
C ASP A 180 -2.69 -1.92 3.80
N ALA A 181 -3.29 -1.76 2.63
CA ALA A 181 -3.05 -2.65 1.49
C ALA A 181 -2.21 -1.99 0.40
N VAL A 182 -1.42 -0.98 0.74
CA VAL A 182 -0.73 -0.17 -0.26
C VAL A 182 0.20 -1.03 -1.12
N GLN A 183 1.01 -1.87 -0.47
CA GLN A 183 1.96 -2.69 -1.19
C GLN A 183 1.32 -3.89 -1.88
N ALA A 184 0.05 -4.16 -1.62
CA ALA A 184 -0.62 -5.31 -2.22
C ALA A 184 -1.24 -5.01 -3.58
N ILE A 185 -1.70 -3.77 -3.81
CA ILE A 185 -2.35 -3.44 -5.06
C ILE A 185 -1.38 -3.64 -6.21
N GLY A 186 -1.79 -4.43 -7.20
CA GLY A 186 -0.97 -4.73 -8.35
C GLY A 186 0.06 -5.83 -8.12
N LYS A 187 0.21 -6.31 -6.89
CA LYS A 187 1.14 -7.39 -6.57
C LYS A 187 0.41 -8.72 -6.38
N ILE A 188 -0.64 -8.73 -5.58
CA ILE A 188 -1.45 -9.92 -5.35
C ILE A 188 -2.92 -9.54 -5.46
N PRO A 189 -3.80 -10.50 -5.72
CA PRO A 189 -5.23 -10.20 -5.71
C PRO A 189 -5.68 -9.64 -4.36
N VAL A 190 -6.48 -8.57 -4.42
CA VAL A 190 -6.98 -7.90 -3.22
C VAL A 190 -8.51 -8.02 -3.23
N ASP A 191 -9.06 -8.57 -2.15
CA ASP A 191 -10.50 -8.79 -2.04
C ASP A 191 -10.93 -8.37 -0.64
N VAL A 192 -11.64 -7.24 -0.55
CA VAL A 192 -12.07 -6.74 0.76
C VAL A 192 -13.10 -7.68 1.38
N LEU A 193 -13.85 -8.42 0.55
CA LEU A 193 -14.85 -9.34 1.09
C LEU A 193 -14.19 -10.55 1.73
N LYS A 194 -13.24 -11.18 1.03
CA LYS A 194 -12.51 -12.30 1.61
C LYS A 194 -11.74 -11.88 2.84
N ALA A 195 -11.22 -10.65 2.86
CA ALA A 195 -10.50 -10.13 4.01
C ALA A 195 -11.41 -9.76 5.17
N ASN A 196 -12.72 -9.64 4.94
CA ASN A 196 -13.66 -9.12 5.92
C ASN A 196 -13.13 -7.81 6.51
N ALA A 197 -12.68 -6.94 5.63
CA ALA A 197 -12.13 -5.66 6.03
C ALA A 197 -13.24 -4.63 6.17
N ASP A 198 -13.18 -3.87 7.26
CA ASP A 198 -14.01 -2.68 7.42
C ASP A 198 -13.37 -1.47 6.75
N PHE A 199 -12.06 -1.35 6.85
CA PHE A 199 -11.31 -0.27 6.21
C PHE A 199 -10.14 -0.84 5.43
N LEU A 200 -9.86 -0.27 4.27
CA LEU A 200 -8.68 -0.66 3.51
C LEU A 200 -8.04 0.58 2.89
N SER A 201 -6.73 0.71 3.03
CA SER A 201 -6.02 1.86 2.49
C SER A 201 -5.26 1.48 1.22
N PHE A 202 -5.11 2.44 0.31
CA PHE A 202 -4.16 2.29 -0.79
C PHE A 202 -3.76 3.67 -1.31
N SER A 203 -2.69 3.68 -2.12
CA SER A 203 -2.10 4.89 -2.65
C SER A 203 -1.66 4.64 -4.09
N ALA A 204 -1.98 5.59 -4.98
CA ALA A 204 -1.84 5.34 -6.42
C ALA A 204 -0.39 5.16 -6.83
N HIS A 205 0.52 5.98 -6.28
CA HIS A 205 1.87 5.99 -6.82
C HIS A 205 2.64 4.71 -6.53
N LYS A 206 2.05 3.75 -5.81
CA LYS A 206 2.61 2.42 -5.68
C LYS A 206 2.11 1.44 -6.74
N PHE A 207 1.12 1.81 -7.54
CA PHE A 207 0.70 1.00 -8.67
C PHE A 207 0.53 1.86 -9.92
N HIS A 208 1.53 2.70 -10.17
CA HIS A 208 1.73 3.42 -11.43
C HIS A 208 0.69 4.50 -11.69
N GLY A 209 0.11 5.05 -10.62
CA GLY A 209 -0.64 6.27 -10.72
C GLY A 209 0.18 7.40 -10.15
N PRO A 210 -0.37 8.61 -10.13
CA PRO A 210 0.41 9.75 -9.64
C PRO A 210 0.50 9.77 -8.13
N LYS A 211 1.58 10.37 -7.64
CA LYS A 211 1.70 10.66 -6.21
C LYS A 211 0.66 11.68 -5.82
N GLY A 212 0.16 11.58 -4.59
CA GLY A 212 -0.78 12.57 -4.10
C GLY A 212 -2.24 12.21 -4.27
N ILE A 213 -2.58 10.93 -4.40
CA ILE A 213 -3.97 10.50 -4.32
C ILE A 213 -3.99 9.08 -3.76
N GLY A 214 -5.00 8.80 -2.94
CA GLY A 214 -5.16 7.50 -2.32
C GLY A 214 -6.63 7.14 -2.22
N GLY A 215 -6.89 6.04 -1.55
CA GLY A 215 -8.25 5.56 -1.40
C GLY A 215 -8.42 4.87 -0.07
N LEU A 216 -9.62 5.05 0.50
CA LEU A 216 -10.03 4.36 1.72
C LEU A 216 -11.35 3.64 1.44
N TYR A 217 -11.30 2.32 1.46
CA TYR A 217 -12.50 1.50 1.42
C TYR A 217 -13.14 1.47 2.80
N ILE A 218 -14.41 1.86 2.87
CA ILE A 218 -15.21 1.81 4.08
C ILE A 218 -16.38 0.87 3.83
N ARG A 219 -16.52 -0.14 4.68
CA ARG A 219 -17.60 -1.11 4.53
C ARG A 219 -18.96 -0.46 4.76
N SER A 220 -19.97 -0.98 4.05
CA SER A 220 -21.33 -0.50 4.20
C SER A 220 -21.76 -0.48 5.65
N GLY A 221 -22.43 0.61 6.04
CA GLY A 221 -22.93 0.78 7.38
C GLY A 221 -21.90 1.21 8.41
N VAL A 222 -20.61 0.98 8.14
CA VAL A 222 -19.57 1.34 9.09
C VAL A 222 -19.41 2.84 9.14
N GLY A 223 -19.37 3.41 10.34
CA GLY A 223 -19.18 4.83 10.50
C GLY A 223 -17.73 5.21 10.72
N LEU A 224 -17.43 6.47 10.39
CA LEU A 224 -16.08 7.00 10.57
C LEU A 224 -16.17 8.52 10.49
N THR A 225 -16.07 9.19 11.63
CA THR A 225 -16.08 10.65 11.67
C THR A 225 -15.04 11.19 10.69
N PRO A 226 -15.43 12.11 9.80
CA PRO A 226 -14.50 12.59 8.77
C PRO A 226 -13.24 13.18 9.38
N LEU A 227 -12.13 12.99 8.67
CA LEU A 227 -10.91 13.73 8.97
C LEU A 227 -10.93 15.10 8.32
N PHE A 228 -11.50 15.20 7.12
CA PHE A 228 -11.71 16.47 6.42
C PHE A 228 -13.17 16.85 6.59
N HIS A 229 -13.48 17.68 7.58
CA HIS A 229 -14.83 18.18 7.71
C HIS A 229 -15.11 19.24 6.65
N GLY A 230 -16.40 19.49 6.42
CA GLY A 230 -16.83 20.36 5.36
C GLY A 230 -18.09 19.83 4.71
N GLY A 231 -18.21 18.50 4.68
CA GLY A 231 -19.46 17.86 4.34
C GLY A 231 -19.95 18.06 2.93
N GLU A 232 -19.08 18.49 2.02
CA GLU A 232 -19.52 18.74 0.65
C GLU A 232 -19.36 17.51 -0.24
N HIS A 233 -18.17 16.90 -0.24
CA HIS A 233 -17.81 15.91 -1.23
C HIS A 233 -17.75 14.51 -0.63
N MET A 234 -17.74 13.52 -1.51
CA MET A 234 -17.58 12.11 -1.14
C MET A 234 -18.64 11.68 -0.11
N ASN A 235 -19.90 11.95 -0.44
CA ASN A 235 -21.04 11.65 0.43
C ASN A 235 -20.86 12.28 1.81
N GLY A 236 -20.23 13.44 1.86
CA GLY A 236 -19.99 14.13 3.11
C GLY A 236 -18.92 13.52 4.00
N ARG A 237 -18.27 12.44 3.55
CA ARG A 237 -17.29 11.76 4.39
C ARG A 237 -15.89 12.34 4.27
N ARG A 238 -15.60 13.04 3.18
CA ARG A 238 -14.28 13.65 2.97
C ARG A 238 -14.47 14.87 2.09
N SER A 239 -14.38 16.06 2.68
CA SER A 239 -14.65 17.29 1.96
C SER A 239 -13.39 17.80 1.24
N GLY A 240 -13.62 18.66 0.26
CA GLY A 240 -12.54 19.21 -0.54
C GLY A 240 -12.77 19.00 -2.03
N THR A 241 -12.47 20.02 -2.84
CA THR A 241 -12.73 19.93 -4.27
C THR A 241 -11.96 18.75 -4.87
N LEU A 242 -12.67 17.95 -5.67
CA LEU A 242 -12.10 16.71 -6.17
C LEU A 242 -10.89 16.94 -7.05
N ASN A 243 -9.89 16.08 -6.89
CA ASN A 243 -8.72 16.05 -7.77
C ASN A 243 -9.09 15.23 -9.00
N VAL A 244 -9.84 15.86 -9.90
CA VAL A 244 -10.38 15.14 -11.06
C VAL A 244 -9.30 14.42 -11.86
N PRO A 245 -8.21 15.08 -12.31
CA PRO A 245 -7.24 14.35 -13.14
C PRO A 245 -6.67 13.14 -12.43
N TYR A 246 -6.30 13.28 -11.16
CA TYR A 246 -5.72 12.18 -10.41
C TYR A 246 -6.75 11.10 -10.10
N ILE A 247 -8.03 11.45 -9.99
CA ILE A 247 -9.06 10.43 -9.82
C ILE A 247 -9.15 9.56 -11.07
N VAL A 248 -9.23 10.22 -12.24
CA VAL A 248 -9.29 9.47 -13.51
C VAL A 248 -8.05 8.60 -13.66
N GLY A 249 -6.87 9.20 -13.48
CA GLY A 249 -5.63 8.45 -13.63
C GLY A 249 -5.53 7.29 -12.66
N MET A 250 -5.93 7.49 -11.41
CA MET A 250 -5.86 6.42 -10.42
C MET A 250 -6.81 5.29 -10.77
N GLY A 251 -8.00 5.63 -11.29
CA GLY A 251 -8.88 4.58 -11.79
C GLY A 251 -8.22 3.73 -12.86
N GLU A 252 -7.64 4.40 -13.87
CA GLU A 252 -6.96 3.64 -14.92
C GLU A 252 -5.80 2.83 -14.37
N ALA A 253 -5.09 3.37 -13.37
CA ALA A 253 -3.95 2.67 -12.79
C ALA A 253 -4.39 1.42 -12.06
N MET A 254 -5.51 1.50 -11.32
CA MET A 254 -6.04 0.31 -10.68
C MET A 254 -6.44 -0.74 -11.72
N LYS A 255 -7.13 -0.31 -12.78
CA LYS A 255 -7.53 -1.24 -13.82
C LYS A 255 -6.32 -1.96 -14.43
N LEU A 256 -5.33 -1.18 -14.88
CA LEU A 256 -4.13 -1.77 -15.45
C LEU A 256 -3.42 -2.68 -14.44
N ALA A 257 -3.42 -2.27 -13.17
CA ALA A 257 -2.73 -3.05 -12.14
C ALA A 257 -3.36 -4.42 -11.96
N VAL A 258 -4.70 -4.48 -11.90
CA VAL A 258 -5.33 -5.79 -11.75
C VAL A 258 -5.23 -6.59 -13.04
N GLU A 259 -5.20 -5.92 -14.20
CA GLU A 259 -5.07 -6.64 -15.46
C GLU A 259 -3.69 -7.28 -15.62
N HIS A 260 -2.69 -6.83 -14.86
CA HIS A 260 -1.33 -7.33 -14.97
C HIS A 260 -0.95 -8.27 -13.83
N LEU A 261 -1.92 -8.83 -13.12
CA LEU A 261 -1.62 -9.66 -11.96
C LEU A 261 -0.93 -10.96 -12.37
N ASP A 262 -1.48 -11.63 -13.40
CA ASP A 262 -0.82 -12.83 -13.93
C ASP A 262 0.61 -12.51 -14.38
N TYR A 263 0.78 -11.40 -15.11
CA TYR A 263 2.11 -10.99 -15.54
C TYR A 263 3.00 -10.68 -14.35
N GLU A 264 2.44 -10.08 -13.30
CA GLU A 264 3.22 -9.73 -12.13
C GLU A 264 3.76 -10.99 -11.44
N LYS A 265 2.91 -12.01 -11.27
CA LYS A 265 3.36 -13.22 -10.58
C LYS A 265 4.26 -14.07 -11.47
N GLU A 266 3.95 -14.18 -12.76
CA GLU A 266 4.65 -15.11 -13.64
C GLU A 266 5.92 -14.54 -14.26
N VAL A 267 5.96 -13.23 -14.50
CA VAL A 267 7.08 -12.59 -15.19
C VAL A 267 7.90 -11.72 -14.23
N VAL A 268 7.25 -10.77 -13.57
CA VAL A 268 7.96 -9.93 -12.60
C VAL A 268 8.51 -10.80 -11.47
N GLY A 269 7.72 -11.74 -10.98
CA GLY A 269 8.21 -12.67 -9.99
C GLY A 269 9.33 -13.54 -10.50
N LYS A 270 9.30 -13.90 -11.79
CA LYS A 270 10.38 -14.67 -12.38
C LYS A 270 11.65 -13.85 -12.48
N LEU A 271 11.53 -12.55 -12.76
CA LEU A 271 12.69 -11.67 -12.77
C LEU A 271 13.24 -11.47 -11.37
N ARG A 272 12.36 -11.38 -10.37
CA ARG A 272 12.82 -11.27 -9.00
C ARG A 272 13.52 -12.54 -8.54
N ASP A 273 13.02 -13.70 -8.97
CA ASP A 273 13.67 -14.96 -8.60
C ASP A 273 14.99 -15.14 -9.32
N LYS A 274 15.07 -14.72 -10.59
CA LYS A 274 16.33 -14.75 -11.31
C LYS A 274 17.36 -13.86 -10.63
N LEU A 275 16.97 -12.63 -10.31
CA LEU A 275 17.86 -11.71 -9.62
C LEU A 275 18.30 -12.31 -8.28
N GLU A 276 17.35 -12.77 -7.48
CA GLU A 276 17.66 -13.24 -6.14
C GLU A 276 18.56 -14.47 -6.16
N GLU A 277 18.23 -15.46 -7.01
CA GLU A 277 19.05 -16.65 -7.12
C GLU A 277 20.45 -16.32 -7.61
N ALA A 278 20.57 -15.37 -8.55
CA ALA A 278 21.89 -14.97 -9.01
C ALA A 278 22.66 -14.25 -7.90
N LEU A 279 21.96 -13.47 -7.08
CA LEU A 279 22.62 -12.64 -6.08
C LEU A 279 23.03 -13.43 -4.84
N LEU A 280 22.41 -14.57 -4.56
CA LEU A 280 22.81 -15.34 -3.38
C LEU A 280 23.98 -16.29 -3.66
N LYS A 281 24.46 -16.34 -4.89
CA LYS A 281 25.66 -17.11 -5.24
C LYS A 281 26.96 -16.34 -4.99
N ILE A 282 26.95 -15.41 -4.06
CA ILE A 282 28.15 -14.63 -3.71
C ILE A 282 28.24 -14.56 -2.18
N PRO A 283 29.48 -14.31 -1.62
CA PRO A 283 29.78 -14.64 -0.21
C PRO A 283 28.64 -15.05 0.72
N ASP A 284 28.36 -14.21 1.71
CA ASP A 284 27.34 -14.50 2.72
C ASP A 284 26.20 -13.50 2.64
N VAL A 285 25.49 -13.50 1.52
CA VAL A 285 24.38 -12.59 1.30
C VAL A 285 23.09 -13.40 1.50
N MET A 286 22.37 -13.11 2.57
CA MET A 286 21.19 -13.89 2.91
C MET A 286 19.93 -13.04 2.76
N VAL A 287 18.89 -13.66 2.20
CA VAL A 287 17.61 -12.99 2.05
C VAL A 287 16.97 -12.83 3.42
N VAL A 288 16.47 -11.63 3.69
CA VAL A 288 15.87 -11.30 4.98
C VAL A 288 14.38 -11.61 4.91
N GLY A 289 13.97 -12.69 5.58
CA GLY A 289 12.57 -13.04 5.70
C GLY A 289 12.23 -14.29 4.90
N ASP A 290 10.95 -14.65 4.99
CA ASP A 290 10.43 -15.81 4.28
C ASP A 290 10.42 -15.56 2.77
N ARG A 291 10.62 -16.63 2.01
CA ARG A 291 10.71 -16.56 0.56
C ARG A 291 9.48 -17.13 -0.15
N ILE A 292 8.43 -17.47 0.59
CA ILE A 292 7.22 -18.05 0.02
C ILE A 292 6.04 -17.09 0.11
N HIS A 293 5.79 -16.55 1.31
CA HIS A 293 4.66 -15.66 1.53
C HIS A 293 5.05 -14.21 1.22
N ARG A 294 5.50 -14.00 -0.01
CA ARG A 294 5.96 -12.69 -0.46
C ARG A 294 5.26 -12.28 -1.74
N VAL A 295 5.15 -10.98 -1.94
CA VAL A 295 4.66 -10.40 -3.19
C VAL A 295 5.71 -10.67 -4.27
N PRO A 296 5.33 -10.71 -5.54
CA PRO A 296 6.26 -11.20 -6.57
C PRO A 296 7.43 -10.26 -6.87
N ASN A 297 7.38 -8.99 -6.46
CA ASN A 297 8.32 -8.00 -6.99
C ASN A 297 9.48 -7.67 -6.06
N THR A 298 9.48 -8.16 -4.82
CA THR A 298 10.39 -7.66 -3.80
C THR A 298 11.42 -8.71 -3.41
N THR A 299 12.68 -8.29 -3.31
CA THR A 299 13.73 -9.08 -2.68
C THR A 299 14.52 -8.17 -1.75
N LEU A 300 14.85 -8.70 -0.57
CA LEU A 300 15.56 -7.95 0.47
C LEU A 300 16.79 -8.75 0.87
N VAL A 301 17.95 -8.36 0.36
CA VAL A 301 19.18 -9.12 0.51
C VAL A 301 20.09 -8.42 1.51
N SER A 302 20.80 -9.21 2.32
CA SER A 302 21.75 -8.69 3.29
C SER A 302 23.16 -9.18 2.96
N VAL A 303 24.13 -8.28 3.13
CA VAL A 303 25.51 -8.50 2.70
C VAL A 303 26.44 -8.33 3.89
N ARG A 304 27.23 -9.37 4.17
CA ARG A 304 28.31 -9.43 5.17
C ARG A 304 28.28 -8.34 6.24
N GLY A 305 29.27 -7.44 6.22
CA GLY A 305 29.43 -6.44 7.26
C GLY A 305 29.51 -5.04 6.70
N ILE A 306 29.45 -4.93 5.37
CA ILE A 306 29.32 -3.63 4.73
C ILE A 306 27.87 -3.22 4.78
N GLU A 307 27.61 -2.00 5.25
CA GLU A 307 26.25 -1.52 5.37
C GLU A 307 25.57 -1.45 4.01
N GLY A 308 24.24 -1.47 4.03
CA GLY A 308 23.48 -1.43 2.78
C GLY A 308 23.56 -0.07 2.10
N GLU A 309 23.72 1.00 2.88
CA GLU A 309 23.76 2.34 2.29
C GLU A 309 24.97 2.53 1.39
N ALA A 310 26.10 1.90 1.72
CA ALA A 310 27.26 1.98 0.84
C ALA A 310 27.00 1.25 -0.46
N MET A 311 26.43 0.05 -0.38
CA MET A 311 26.09 -0.70 -1.59
C MET A 311 25.12 0.08 -2.47
N LEU A 312 24.19 0.82 -1.85
CA LEU A 312 23.21 1.57 -2.62
C LEU A 312 23.80 2.84 -3.22
N TRP A 313 24.71 3.49 -2.49
CA TRP A 313 25.45 4.61 -3.07
C TRP A 313 26.24 4.15 -4.30
N ASP A 314 26.88 2.98 -4.20
CA ASP A 314 27.62 2.44 -5.34
C ASP A 314 26.68 2.13 -6.50
N LEU A 315 25.58 1.41 -6.23
CA LEU A 315 24.60 1.10 -7.27
C LEU A 315 24.09 2.36 -7.94
N ASN A 316 23.82 3.41 -7.15
CA ASN A 316 23.31 4.66 -7.71
C ASN A 316 24.37 5.35 -8.57
N ARG A 317 25.65 5.19 -8.23
CA ARG A 317 26.70 5.73 -9.11
C ARG A 317 26.62 5.10 -10.49
N SER A 318 26.21 3.84 -10.59
CA SER A 318 26.03 3.16 -11.86
C SER A 318 24.60 3.27 -12.38
N ASN A 319 23.82 4.24 -11.87
CA ASN A 319 22.46 4.50 -12.33
C ASN A 319 21.53 3.30 -12.10
N ILE A 320 21.62 2.71 -10.92
CA ILE A 320 20.70 1.67 -10.48
C ILE A 320 20.12 2.12 -9.14
N ALA A 321 18.81 2.26 -9.07
CA ALA A 321 18.13 2.84 -7.92
C ALA A 321 17.42 1.75 -7.12
N ALA A 322 17.82 1.59 -5.87
CA ALA A 322 17.14 0.70 -4.92
C ALA A 322 17.13 1.40 -3.56
N SER A 323 16.61 0.73 -2.54
CA SER A 323 16.46 1.36 -1.24
C SER A 323 17.04 0.46 -0.14
N THR A 324 17.01 0.95 1.08
CA THR A 324 17.38 0.15 2.24
C THR A 324 16.15 -0.60 2.76
N GLY A 325 16.36 -1.40 3.79
CA GLY A 325 15.28 -2.12 4.45
C GLY A 325 15.73 -2.67 5.78
N SER A 326 14.90 -2.53 6.82
CA SER A 326 15.31 -2.95 8.16
C SER A 326 15.52 -4.45 8.20
N ALA A 327 16.65 -4.86 8.78
CA ALA A 327 16.99 -6.27 8.91
C ALA A 327 17.62 -6.56 10.26
N THR A 351 21.51 -2.72 8.18
CA THR A 351 20.41 -2.61 7.23
C THR A 351 20.66 -3.46 6.00
N ALA A 352 19.58 -3.84 5.31
CA ALA A 352 19.65 -4.66 4.11
C ALA A 352 19.28 -3.82 2.90
N ILE A 353 19.45 -4.42 1.72
CA ILE A 353 19.17 -3.78 0.45
C ILE A 353 17.84 -4.30 -0.07
N ARG A 354 16.88 -3.39 -0.23
CA ARG A 354 15.59 -3.69 -0.83
C ARG A 354 15.62 -3.35 -2.33
N LEU A 355 15.45 -4.39 -3.14
CA LEU A 355 15.28 -4.28 -4.59
C LEU A 355 13.85 -4.67 -4.91
N SER A 356 13.10 -3.75 -5.51
CA SER A 356 11.68 -3.96 -5.78
C SER A 356 11.40 -3.67 -7.24
N LEU A 357 10.98 -4.70 -7.97
CA LEU A 357 10.83 -4.64 -9.42
C LEU A 357 9.45 -4.11 -9.79
N SER A 358 9.15 -4.10 -11.09
CA SER A 358 7.87 -3.61 -11.56
C SER A 358 7.58 -4.20 -12.93
N ARG A 359 6.41 -3.82 -13.46
CA ARG A 359 5.97 -4.21 -14.79
C ARG A 359 6.93 -3.75 -15.89
N PHE A 360 7.73 -2.73 -15.63
CA PHE A 360 8.55 -2.11 -16.67
C PHE A 360 10.01 -2.56 -16.64
N ASN A 361 10.38 -3.43 -15.72
CA ASN A 361 11.73 -3.99 -15.73
C ASN A 361 11.83 -5.10 -16.76
N THR A 362 13.05 -5.30 -17.26
CA THR A 362 13.32 -6.33 -18.26
C THR A 362 14.39 -7.28 -17.74
N GLU A 363 14.50 -8.44 -18.39
CA GLU A 363 15.51 -9.40 -18.00
C GLU A 363 16.93 -8.87 -18.25
N ALA A 364 17.10 -8.09 -19.32
CA ALA A 364 18.39 -7.45 -19.56
C ALA A 364 18.78 -6.55 -18.40
N GLU A 365 17.82 -5.75 -17.90
CA GLU A 365 18.07 -4.95 -16.71
C GLU A 365 18.51 -5.81 -15.54
N ILE A 366 17.92 -6.99 -15.40
CA ILE A 366 18.23 -7.85 -14.25
C ILE A 366 19.63 -8.43 -14.37
N ASP A 367 19.99 -8.93 -15.55
CA ASP A 367 21.36 -9.39 -15.78
C ASP A 367 22.36 -8.28 -15.48
N LYS A 368 22.09 -7.07 -15.99
CA LYS A 368 22.96 -5.93 -15.74
C LYS A 368 23.08 -5.66 -14.24
N THR A 369 21.96 -5.76 -13.51
CA THR A 369 21.99 -5.54 -12.08
C THR A 369 22.77 -6.62 -11.35
N ILE A 370 22.73 -7.85 -11.85
CA ILE A 370 23.54 -8.91 -11.27
C ILE A 370 25.02 -8.59 -11.43
N GLU A 371 25.42 -8.16 -12.64
CA GLU A 371 26.82 -7.84 -12.88
C GLU A 371 27.27 -6.65 -12.03
N VAL A 372 26.54 -5.53 -12.11
CA VAL A 372 26.91 -4.32 -11.38
C VAL A 372 26.88 -4.57 -9.88
N PHE A 373 25.94 -5.38 -9.41
CA PHE A 373 25.86 -5.72 -8.00
C PHE A 373 27.07 -6.53 -7.57
N SER A 374 27.49 -7.51 -8.37
CA SER A 374 28.65 -8.32 -8.02
C SER A 374 29.92 -7.48 -8.02
N GLN A 375 30.16 -6.74 -9.10
CA GLN A 375 31.35 -5.90 -9.19
C GLN A 375 31.40 -4.88 -8.07
N ALA A 376 30.26 -4.25 -7.77
CA ALA A 376 30.21 -3.29 -6.67
C ALA A 376 30.49 -3.97 -5.34
N ALA A 377 29.97 -5.18 -5.15
CA ALA A 377 30.17 -5.89 -3.89
C ALA A 377 31.64 -6.23 -3.66
N VAL A 378 32.30 -6.79 -4.68
CA VAL A 378 33.70 -7.15 -4.51
C VAL A 378 34.56 -5.89 -4.39
N ARG A 379 34.12 -4.78 -4.97
CA ARG A 379 34.84 -3.51 -4.87
C ARG A 379 34.49 -2.79 -3.57
#